data_9J8E
#
_entry.id   9J8E
#
_cell.length_a   55.580
_cell.length_b   55.580
_cell.length_c   201.924
_cell.angle_alpha   90.00
_cell.angle_beta   90.00
_cell.angle_gamma   90.00
#
_symmetry.space_group_name_H-M   'P 41'
#
loop_
_entity.id
_entity.type
_entity.pdbx_description
1 polymer 'Bifunctional ligase/repressor BirA'
2 non-polymer BIOTINYL-5-AMP
3 water water
#
_entity_poly.entity_id   1
_entity_poly.type   'polypeptide(L)'
_entity_poly.pdbx_seq_one_letter_code
;MMNFTLLTYLADCQPKVRSELEKFSKNLEEDIQQLREIGLDILVDGQDYRLVPMLPLLNPQQISTALFPYSIHYQPIISS
TNEWILQNILSLKKGDLCVAEYQTAGRGRRGRQWLSPFAGQIMFSFYWAFDPKKSIEGLSLVIGLAIAEVLNVQVKWPND
ILFDERKLGGILVEIANHKNGMLNLVIGIGINVSLSKQTEISQPYAEVCEIDPDVERQTLLPKLIQHLYTRLNIFEQNGI
DEEFQQAWQSYNAFSNSEINVLTEQGVISGIEQGIDERGYLKVLCGNKIQMFNGGEVSLRKK
;
_entity_poly.pdbx_strand_id   A,B
#
# COMPACT_ATOMS: atom_id res chain seq x y z
N MET A 1 -13.11 12.69 14.99
CA MET A 1 -13.34 11.89 13.77
C MET A 1 -14.62 11.05 13.86
N MET A 2 -14.89 10.38 14.99
CA MET A 2 -16.03 9.47 15.07
C MET A 2 -16.69 9.49 16.45
N ASN A 3 -18.02 9.65 16.46
CA ASN A 3 -18.85 9.46 17.66
C ASN A 3 -19.31 8.01 17.68
N PHE A 4 -18.58 7.17 18.42
CA PHE A 4 -18.84 5.73 18.53
C PHE A 4 -20.21 5.42 19.14
N THR A 5 -20.78 6.34 19.92
CA THR A 5 -22.06 6.08 20.59
C THR A 5 -23.22 6.21 19.61
N LEU A 6 -23.26 7.32 18.88
CA LEU A 6 -23.84 7.39 17.55
C LEU A 6 -23.22 6.24 16.76
N LEU A 7 -23.73 5.87 15.60
CA LEU A 7 -23.28 4.66 14.93
C LEU A 7 -23.74 3.45 15.74
N THR A 8 -23.30 3.34 17.00
CA THR A 8 -23.77 2.23 17.83
C THR A 8 -25.28 2.30 18.05
N TYR A 9 -25.81 3.49 18.33
CA TYR A 9 -27.27 3.61 18.35
C TYR A 9 -27.85 3.43 16.96
N LEU A 10 -27.08 3.78 15.94
CA LEU A 10 -27.48 3.64 14.54
C LEU A 10 -27.21 2.28 13.94
N ALA A 11 -26.42 1.43 14.61
CA ALA A 11 -25.95 0.18 14.02
C ALA A 11 -27.08 -0.79 13.69
N ASP A 12 -28.26 -0.61 14.30
CA ASP A 12 -29.37 -1.46 13.91
C ASP A 12 -29.89 -1.12 12.51
N CYS A 13 -29.33 -0.11 11.87
CA CYS A 13 -29.74 0.31 10.52
C CYS A 13 -31.23 0.64 10.47
N GLN A 14 -31.76 1.13 11.56
CA GLN A 14 -33.19 1.30 11.60
C GLN A 14 -33.55 2.76 11.65
N PRO A 15 -34.71 3.12 11.09
CA PRO A 15 -35.14 4.54 11.07
C PRO A 15 -35.32 5.11 12.46
N LYS A 16 -34.36 5.91 12.91
CA LYS A 16 -34.46 6.63 14.17
C LYS A 16 -34.89 8.06 13.90
N VAL A 17 -35.84 8.55 14.69
CA VAL A 17 -36.32 9.94 14.56
C VAL A 17 -35.55 10.78 15.57
N ARG A 18 -34.43 11.35 15.09
CA ARG A 18 -33.63 12.40 15.74
C ARG A 18 -33.59 12.38 17.27
N SER A 19 -33.35 11.23 17.89
CA SER A 19 -32.92 11.21 19.28
C SER A 19 -31.42 11.54 19.35
N GLU A 20 -31.01 12.20 20.43
CA GLU A 20 -29.66 12.73 20.55
C GLU A 20 -28.79 11.72 21.29
N LEU A 21 -27.79 11.19 20.60
CA LEU A 21 -26.82 10.28 21.21
C LEU A 21 -25.40 10.60 20.72
N SER A 25 -26.29 14.14 20.05
CA SER A 25 -24.99 14.58 20.56
C SER A 25 -24.80 16.08 20.42
N LYS A 26 -23.57 16.56 20.63
CA LYS A 26 -23.31 17.99 20.72
C LYS A 26 -23.31 18.66 19.35
N ASN A 27 -22.85 17.96 18.31
CA ASN A 27 -22.79 18.53 16.96
C ASN A 27 -23.34 17.50 15.97
N LEU A 28 -24.68 17.39 15.93
CA LEU A 28 -25.34 16.33 15.16
C LEU A 28 -24.89 16.33 13.71
N GLU A 29 -25.09 17.46 13.01
CA GLU A 29 -24.68 17.55 11.62
C GLU A 29 -23.18 17.33 11.45
N GLU A 30 -22.38 17.73 12.45
CA GLU A 30 -20.92 17.60 12.32
C GLU A 30 -20.50 16.14 12.35
N ASP A 31 -20.91 15.40 13.38
CA ASP A 31 -20.47 14.01 13.53
C ASP A 31 -21.05 13.12 12.45
N ILE A 32 -22.26 13.42 11.97
CA ILE A 32 -22.87 12.67 10.86
C ILE A 32 -22.08 12.88 9.58
N GLN A 33 -21.68 14.12 9.29
CA GLN A 33 -20.82 14.33 8.14
C GLN A 33 -19.42 13.75 8.38
N GLN A 34 -18.98 13.77 9.63
CA GLN A 34 -17.73 13.09 9.98
C GLN A 34 -17.85 11.57 9.82
N LEU A 35 -19.00 11.00 10.20
CA LEU A 35 -19.27 9.60 9.89
C LEU A 35 -19.33 9.35 8.39
N ARG A 36 -19.85 10.32 7.62
CA ARG A 36 -19.85 10.19 6.17
C ARG A 36 -18.45 10.28 5.61
N GLU A 37 -17.58 11.09 6.22
CA GLU A 37 -16.21 11.22 5.73
C GLU A 37 -15.43 9.94 5.94
N ILE A 38 -15.58 9.31 7.12
CA ILE A 38 -15.07 7.95 7.33
C ILE A 38 -15.57 7.04 6.23
N GLY A 39 -16.84 7.18 5.86
CA GLY A 39 -17.36 6.48 4.71
C GLY A 39 -18.67 5.77 4.97
N LEU A 40 -19.16 5.85 6.20
CA LEU A 40 -20.45 5.26 6.50
C LEU A 40 -21.57 6.09 5.89
N ASP A 41 -22.54 5.42 5.30
CA ASP A 41 -23.60 6.07 4.55
C ASP A 41 -24.82 6.32 5.42
N ILE A 42 -25.21 7.59 5.57
CA ILE A 42 -26.30 7.98 6.47
C ILE A 42 -27.34 8.77 5.68
N LEU A 43 -28.44 8.11 5.27
CA LEU A 43 -29.48 8.78 4.49
C LEU A 43 -30.57 9.34 5.40
N VAL A 44 -31.05 10.55 5.05
CA VAL A 44 -32.12 11.24 5.77
C VAL A 44 -33.29 11.48 4.82
N ASP A 45 -34.51 11.23 5.29
CA ASP A 45 -35.73 11.46 4.53
C ASP A 45 -36.62 12.40 5.35
N GLY A 46 -36.30 13.69 5.30
CA GLY A 46 -37.01 14.65 6.11
C GLY A 46 -36.47 14.71 7.51
N GLN A 47 -37.08 13.96 8.43
CA GLN A 47 -36.61 13.97 9.81
C GLN A 47 -36.15 12.60 10.28
N ASP A 48 -36.24 11.56 9.45
CA ASP A 48 -35.81 10.22 9.81
C ASP A 48 -34.40 9.96 9.26
N TYR A 49 -33.51 9.49 10.13
CA TYR A 49 -32.13 9.17 9.80
C TYR A 49 -31.92 7.67 9.77
N ARG A 50 -31.03 7.22 8.89
CA ARG A 50 -30.83 5.79 8.76
C ARG A 50 -29.44 5.48 8.24
N LEU A 51 -28.74 4.60 8.97
CA LEU A 51 -27.47 4.06 8.54
C LEU A 51 -27.70 2.96 7.51
N VAL A 52 -26.95 3.00 6.41
CA VAL A 52 -27.24 2.18 5.24
C VAL A 52 -26.33 0.95 5.27
N PRO A 53 -26.85 -0.23 5.54
CA PRO A 53 -26.02 -1.44 5.41
C PRO A 53 -25.79 -1.74 3.94
N MET A 54 -24.57 -2.13 3.59
CA MET A 54 -24.34 -2.53 2.22
C MET A 54 -25.08 -3.82 1.87
N LEU A 55 -25.41 -4.63 2.89
CA LEU A 55 -26.07 -5.91 2.73
C LEU A 55 -27.06 -6.10 3.88
N PRO A 56 -27.94 -7.09 3.82
CA PRO A 56 -28.83 -7.29 4.97
C PRO A 56 -28.01 -7.69 6.17
N LEU A 57 -28.25 -7.00 7.29
CA LEU A 57 -27.68 -7.39 8.57
C LEU A 57 -27.86 -8.88 8.82
N LEU A 58 -26.87 -9.47 9.48
CA LEU A 58 -26.95 -10.88 9.81
C LEU A 58 -27.90 -11.08 10.98
N ASN A 59 -28.27 -12.32 11.22
CA ASN A 59 -29.16 -12.67 12.32
C ASN A 59 -28.40 -13.57 13.29
N PRO A 60 -28.13 -13.10 14.50
CA PRO A 60 -27.25 -13.86 15.41
C PRO A 60 -27.82 -15.22 15.80
N GLN A 61 -29.12 -15.28 16.06
CA GLN A 61 -29.74 -16.53 16.48
C GLN A 61 -29.64 -17.59 15.39
N GLN A 62 -29.72 -17.19 14.14
CA GLN A 62 -29.59 -18.18 13.07
C GLN A 62 -28.16 -18.70 12.97
N ILE A 63 -27.16 -17.83 13.09
CA ILE A 63 -25.76 -18.29 13.12
C ILE A 63 -25.56 -19.30 14.25
N SER A 64 -26.04 -18.95 15.45
CA SER A 64 -25.89 -19.87 16.58
C SER A 64 -26.46 -21.24 16.26
N THR A 65 -27.72 -21.30 15.83
CA THR A 65 -28.34 -22.60 15.56
C THR A 65 -27.65 -23.31 14.40
N ALA A 66 -27.24 -22.56 13.37
CA ALA A 66 -26.47 -23.14 12.28
C ALA A 66 -25.07 -23.60 12.67
N LEU A 67 -24.51 -23.09 13.77
CA LEU A 67 -23.13 -23.46 14.12
C LEU A 67 -23.01 -24.15 15.46
N PHE A 68 -24.12 -24.55 16.06
CA PHE A 68 -24.08 -25.28 17.33
C PHE A 68 -23.11 -26.47 17.21
N PRO A 69 -22.35 -26.79 18.27
CA PRO A 69 -22.30 -26.19 19.61
C PRO A 69 -21.34 -25.01 19.73
N TYR A 70 -20.73 -24.57 18.64
CA TYR A 70 -19.80 -23.44 18.74
C TYR A 70 -20.57 -22.17 19.08
N SER A 71 -20.04 -21.39 20.03
CA SER A 71 -20.68 -20.17 20.50
C SER A 71 -20.26 -18.97 19.68
N ILE A 72 -21.23 -18.11 19.37
CA ILE A 72 -21.04 -16.96 18.50
C ILE A 72 -21.23 -15.68 19.31
N HIS A 73 -20.34 -14.72 19.11
CA HIS A 73 -20.59 -13.37 19.62
C HIS A 73 -20.78 -12.45 18.43
N TYR A 74 -21.94 -11.82 18.36
CA TYR A 74 -22.24 -10.95 17.24
C TYR A 74 -22.32 -9.52 17.74
N GLN A 75 -21.77 -8.62 16.99
CA GLN A 75 -21.71 -7.24 17.39
C GLN A 75 -21.59 -6.38 16.14
N PRO A 76 -22.60 -5.56 15.84
CA PRO A 76 -22.54 -4.77 14.61
C PRO A 76 -21.27 -3.99 14.44
N ILE A 77 -20.92 -3.15 15.40
CA ILE A 77 -19.69 -2.36 15.35
C ILE A 77 -18.73 -2.91 16.39
N ILE A 78 -17.45 -2.99 16.01
CA ILE A 78 -16.41 -3.50 16.89
C ILE A 78 -15.09 -2.85 16.49
N SER A 79 -14.11 -2.90 17.39
CA SER A 79 -12.78 -2.47 16.99
C SER A 79 -12.19 -3.45 15.98
N SER A 80 -12.20 -4.74 16.31
CA SER A 80 -11.65 -5.78 15.45
C SER A 80 -12.07 -7.13 16.01
N THR A 81 -12.63 -8.01 15.15
CA THR A 81 -13.14 -9.26 15.70
C THR A 81 -12.00 -10.08 16.30
N ASN A 82 -10.75 -9.79 15.91
CA ASN A 82 -9.58 -10.43 16.50
C ASN A 82 -9.37 -9.95 17.94
N GLU A 83 -9.42 -8.65 18.15
CA GLU A 83 -9.33 -8.13 19.50
C GLU A 83 -10.35 -8.77 20.44
N TRP A 84 -11.60 -8.93 19.99
CA TRP A 84 -12.61 -9.51 20.87
C TRP A 84 -12.23 -10.92 21.30
N ILE A 85 -11.82 -11.77 20.34
CA ILE A 85 -11.34 -13.10 20.71
C ILE A 85 -10.17 -13.02 21.69
N LEU A 86 -9.27 -12.06 21.50
CA LEU A 86 -8.13 -11.99 22.38
C LEU A 86 -8.57 -11.63 23.80
N GLN A 87 -9.34 -10.55 23.96
CA GLN A 87 -9.84 -10.09 25.24
C GLN A 87 -10.84 -11.04 25.90
N ASN A 88 -11.37 -12.04 25.21
CA ASN A 88 -12.39 -12.88 25.81
C ASN A 88 -11.98 -14.35 25.84
N ILE A 89 -10.67 -14.60 25.71
CA ILE A 89 -10.14 -15.93 25.48
C ILE A 89 -10.51 -16.89 26.61
N LEU A 90 -10.64 -16.40 27.84
CA LEU A 90 -10.85 -17.31 28.97
C LEU A 90 -12.22 -17.96 28.92
N SER A 91 -13.19 -17.31 28.27
CA SER A 91 -14.58 -17.76 28.26
C SER A 91 -14.90 -18.61 27.07
N LEU A 92 -13.87 -19.00 26.30
CA LEU A 92 -14.05 -19.61 25.00
C LEU A 92 -13.61 -21.07 25.00
N LYS A 93 -14.20 -21.83 24.09
CA LYS A 93 -13.77 -23.15 23.72
C LYS A 93 -13.35 -23.15 22.25
N LYS A 94 -12.53 -24.13 21.90
CA LYS A 94 -12.06 -24.31 20.54
C LYS A 94 -13.18 -24.15 19.52
N GLY A 95 -13.10 -23.12 18.68
CA GLY A 95 -14.07 -22.89 17.60
C GLY A 95 -15.13 -21.84 17.85
N ASP A 96 -15.15 -21.23 19.03
CA ASP A 96 -16.08 -20.14 19.28
C ASP A 96 -15.68 -18.91 18.47
N LEU A 97 -16.67 -18.19 17.96
CA LEU A 97 -16.49 -17.18 16.94
C LEU A 97 -16.93 -15.80 17.42
N CYS A 98 -16.32 -14.77 16.84
CA CYS A 98 -16.88 -13.42 16.89
C CYS A 98 -17.10 -12.91 15.48
N VAL A 99 -18.27 -12.32 15.25
CA VAL A 99 -18.71 -11.85 13.95
C VAL A 99 -19.13 -10.38 14.09
N ALA A 100 -18.85 -9.58 13.05
CA ALA A 100 -19.22 -8.17 13.08
C ALA A 100 -19.69 -7.72 11.71
N GLU A 101 -20.22 -6.50 11.66
CA GLU A 101 -20.59 -5.87 10.41
C GLU A 101 -19.60 -4.82 9.95
N TYR A 102 -18.86 -4.24 10.90
CA TYR A 102 -17.98 -3.12 10.59
C TYR A 102 -16.93 -3.05 11.67
N GLN A 103 -15.70 -2.77 11.26
CA GLN A 103 -14.56 -2.75 12.16
C GLN A 103 -13.97 -1.35 12.16
N THR A 104 -13.95 -0.72 13.33
CA THR A 104 -13.33 0.61 13.41
C THR A 104 -11.81 0.55 13.36
N ALA A 105 -11.22 -0.61 13.57
CA ALA A 105 -9.78 -0.77 13.51
C ALA A 105 -9.44 -2.15 12.96
N GLY A 106 -9.91 -2.43 11.75
CA GLY A 106 -9.63 -3.70 11.11
C GLY A 106 -8.15 -3.86 10.84
N ARG A 107 -7.59 -5.00 11.20
CA ARG A 107 -6.15 -5.22 11.19
C ARG A 107 -5.74 -6.01 9.97
N GLY A 108 -4.74 -5.50 9.25
CA GLY A 108 -3.95 -6.30 8.33
C GLY A 108 -2.80 -6.99 9.04
N ARG A 109 -1.81 -7.41 8.26
CA ARG A 109 -0.51 -7.80 8.80
C ARG A 109 0.34 -6.54 9.01
N ARG A 110 1.16 -6.56 10.06
CA ARG A 110 2.24 -5.59 10.23
C ARG A 110 1.73 -4.14 10.20
N GLY A 111 0.89 -3.81 11.18
CA GLY A 111 0.41 -2.46 11.32
C GLY A 111 -0.59 -2.03 10.27
N ARG A 112 -0.80 -2.82 9.24
CA ARG A 112 -1.68 -2.43 8.16
C ARG A 112 -3.16 -2.55 8.58
N GLN A 113 -4.02 -1.93 7.77
CA GLN A 113 -5.43 -1.78 8.04
C GLN A 113 -6.27 -2.66 7.11
N TRP A 114 -7.44 -3.07 7.59
CA TRP A 114 -8.40 -3.79 6.76
C TRP A 114 -9.64 -2.93 6.60
N LEU A 115 -10.03 -2.70 5.35
CA LEU A 115 -11.16 -1.82 5.10
C LEU A 115 -12.40 -2.65 4.78
N SER A 116 -13.54 -2.12 5.21
CA SER A 116 -14.80 -2.75 4.91
C SER A 116 -15.87 -1.70 5.06
N PRO A 117 -16.82 -1.62 4.14
CA PRO A 117 -18.04 -0.84 4.41
C PRO A 117 -18.92 -1.61 5.39
N PHE A 118 -19.89 -0.91 5.95
CA PHE A 118 -20.81 -1.53 6.87
C PHE A 118 -21.56 -2.67 6.19
N ALA A 119 -21.42 -3.88 6.71
CA ALA A 119 -22.22 -5.03 6.32
C ALA A 119 -21.97 -5.49 4.89
N GLY A 120 -20.81 -5.21 4.32
CA GLY A 120 -20.48 -5.74 3.02
C GLY A 120 -19.42 -6.82 2.99
N GLN A 121 -19.02 -7.37 4.13
CA GLN A 121 -18.02 -8.42 4.21
C GLN A 121 -18.55 -9.56 5.07
N ILE A 122 -17.93 -10.72 4.92
CA ILE A 122 -17.97 -11.72 5.97
C ILE A 122 -16.72 -11.46 6.81
N MET A 123 -16.90 -10.87 7.99
CA MET A 123 -15.81 -10.60 8.94
C MET A 123 -16.01 -11.48 10.18
N PHE A 124 -15.09 -12.41 10.39
CA PHE A 124 -15.17 -13.16 11.64
C PHE A 124 -13.80 -13.63 12.09
N SER A 125 -13.65 -13.77 13.40
CA SER A 125 -12.46 -14.33 14.02
C SER A 125 -12.88 -15.50 14.89
N PHE A 126 -11.94 -16.40 15.15
CA PHE A 126 -12.30 -17.50 16.01
C PHE A 126 -11.07 -18.00 16.77
N TYR A 127 -11.33 -18.66 17.89
CA TYR A 127 -10.28 -19.23 18.71
C TYR A 127 -9.93 -20.64 18.23
N TRP A 128 -8.64 -20.95 18.21
CA TRP A 128 -8.23 -22.31 17.88
C TRP A 128 -7.00 -22.65 18.72
N ALA A 129 -6.71 -23.96 18.78
CA ALA A 129 -5.66 -24.41 19.68
C ALA A 129 -5.10 -25.72 19.18
N PHE A 130 -3.79 -25.81 19.24
CA PHE A 130 -3.08 -27.03 18.90
C PHE A 130 -2.28 -27.54 20.10
N ASP A 131 -1.89 -28.82 20.03
CA ASP A 131 -0.94 -29.33 21.00
C ASP A 131 0.34 -28.54 20.83
N PRO A 132 0.92 -27.99 21.89
CA PRO A 132 2.11 -27.13 21.72
C PRO A 132 3.29 -27.86 21.10
N LYS A 133 3.27 -29.19 21.05
CA LYS A 133 4.32 -29.91 20.33
C LYS A 133 4.14 -29.85 18.82
N LYS A 134 2.90 -29.69 18.34
CA LYS A 134 2.60 -29.71 16.91
C LYS A 134 2.89 -28.36 16.28
N SER A 135 3.47 -28.39 15.07
CA SER A 135 3.92 -27.20 14.37
C SER A 135 2.81 -26.64 13.50
N ILE A 136 2.74 -25.31 13.41
CA ILE A 136 1.67 -24.66 12.66
C ILE A 136 2.18 -24.27 11.29
N GLU A 137 3.32 -24.81 10.90
CA GLU A 137 3.80 -24.65 9.54
C GLU A 137 2.70 -25.01 8.56
N GLY A 138 2.30 -24.05 7.74
CA GLY A 138 1.32 -24.30 6.69
C GLY A 138 -0.09 -23.91 7.04
N LEU A 139 -0.35 -23.52 8.30
CA LEU A 139 -1.70 -23.18 8.76
C LEU A 139 -2.37 -22.19 7.82
N SER A 140 -1.65 -21.15 7.42
CA SER A 140 -2.27 -20.14 6.58
C SER A 140 -2.75 -20.72 5.27
N LEU A 141 -2.01 -21.70 4.74
CA LEU A 141 -2.41 -22.43 3.53
C LEU A 141 -3.72 -23.17 3.77
N VAL A 142 -3.84 -23.86 4.91
CA VAL A 142 -5.05 -24.60 5.21
C VAL A 142 -6.26 -23.67 5.22
N ILE A 143 -6.15 -22.53 5.91
CA ILE A 143 -7.27 -21.60 5.95
C ILE A 143 -7.61 -21.12 4.55
N GLY A 144 -6.59 -20.68 3.80
CA GLY A 144 -6.85 -20.16 2.47
C GLY A 144 -7.50 -21.19 1.56
N LEU A 145 -7.05 -22.44 1.63
CA LEU A 145 -7.61 -23.47 0.76
C LEU A 145 -9.06 -23.78 1.12
N ALA A 146 -9.34 -23.90 2.42
CA ALA A 146 -10.70 -24.18 2.85
C ALA A 146 -11.69 -23.18 2.28
N ILE A 147 -11.30 -21.91 2.19
CA ILE A 147 -12.24 -20.90 1.70
C ILE A 147 -12.39 -21.02 0.18
N ALA A 148 -11.26 -21.16 -0.52
CA ALA A 148 -11.31 -21.30 -1.97
C ALA A 148 -12.09 -22.56 -2.38
N GLU A 149 -12.04 -23.62 -1.57
CA GLU A 149 -12.86 -24.79 -1.85
C GLU A 149 -14.36 -24.48 -1.68
N VAL A 150 -14.73 -23.69 -0.66
CA VAL A 150 -16.12 -23.32 -0.49
C VAL A 150 -16.56 -22.40 -1.62
N LEU A 151 -15.88 -21.26 -1.78
CA LEU A 151 -16.30 -20.27 -2.76
C LEU A 151 -15.98 -20.65 -4.20
N ASN A 152 -15.26 -21.74 -4.42
CA ASN A 152 -14.87 -22.17 -5.76
C ASN A 152 -14.06 -21.08 -6.44
N VAL A 153 -13.03 -20.58 -5.74
CA VAL A 153 -12.15 -19.57 -6.33
C VAL A 153 -10.73 -20.08 -6.21
N GLN A 154 -9.76 -19.18 -6.22
CA GLN A 154 -8.37 -19.63 -6.24
C GLN A 154 -7.58 -19.08 -5.06
N VAL A 155 -6.53 -19.81 -4.67
CA VAL A 155 -5.63 -19.39 -3.61
C VAL A 155 -4.36 -18.85 -4.22
N LYS A 156 -3.57 -18.18 -3.40
CA LYS A 156 -2.26 -17.67 -3.75
C LYS A 156 -1.40 -17.80 -2.50
N TRP A 157 -0.19 -18.30 -2.64
CA TRP A 157 0.66 -18.49 -1.49
C TRP A 157 1.06 -17.15 -0.89
N PRO A 158 1.08 -17.01 0.44
CA PRO A 158 0.74 -18.05 1.41
C PRO A 158 -0.66 -17.98 1.95
N ASN A 159 -1.44 -16.94 1.63
CA ASN A 159 -2.68 -16.75 2.38
C ASN A 159 -3.74 -15.94 1.64
N ASP A 160 -3.64 -15.77 0.34
CA ASP A 160 -4.56 -14.88 -0.33
C ASP A 160 -5.69 -15.66 -1.00
N ILE A 161 -6.85 -15.01 -1.07
CA ILE A 161 -8.01 -15.56 -1.75
C ILE A 161 -8.26 -14.73 -3.01
N LEU A 162 -8.40 -15.40 -4.15
CA LEU A 162 -8.28 -14.75 -5.44
C LEU A 162 -9.48 -15.08 -6.32
N PHE A 163 -10.07 -14.04 -6.93
CA PHE A 163 -10.97 -14.18 -8.06
C PHE A 163 -10.55 -13.20 -9.14
N ASP A 164 -10.37 -13.69 -10.38
CA ASP A 164 -9.94 -12.83 -11.50
C ASP A 164 -8.57 -12.24 -11.23
N GLU A 165 -7.73 -12.98 -10.49
CA GLU A 165 -6.44 -12.48 -10.01
C GLU A 165 -6.59 -11.19 -9.20
N ARG A 166 -7.74 -11.02 -8.53
CA ARG A 166 -7.98 -9.86 -7.68
C ARG A 166 -8.22 -10.29 -6.23
N LYS A 167 -7.83 -9.45 -5.28
CA LYS A 167 -7.90 -9.83 -3.87
C LYS A 167 -9.37 -9.94 -3.42
N LEU A 168 -9.79 -11.16 -3.11
CA LEU A 168 -11.15 -11.39 -2.65
C LEU A 168 -11.29 -11.31 -1.13
N GLY A 169 -10.23 -11.57 -0.38
CA GLY A 169 -10.26 -11.31 1.06
C GLY A 169 -8.90 -11.44 1.70
N GLY A 170 -8.93 -11.47 3.04
CA GLY A 170 -7.70 -11.57 3.83
C GLY A 170 -7.79 -12.59 4.94
N ILE A 171 -6.63 -13.09 5.36
CA ILE A 171 -6.47 -14.05 6.44
C ILE A 171 -5.37 -13.57 7.38
N LEU A 172 -5.68 -13.48 8.68
CA LEU A 172 -4.75 -12.93 9.66
C LEU A 172 -4.74 -13.83 10.90
N VAL A 173 -3.73 -14.71 10.99
CA VAL A 173 -3.51 -15.58 12.15
C VAL A 173 -2.68 -14.85 13.20
N GLU A 174 -3.21 -14.69 14.41
CA GLU A 174 -2.48 -14.07 15.51
C GLU A 174 -2.35 -15.04 16.69
N ILE A 175 -1.28 -14.91 17.46
CA ILE A 175 -1.01 -15.83 18.54
C ILE A 175 -1.33 -15.17 19.87
N ALA A 176 -2.14 -15.84 20.68
CA ALA A 176 -2.57 -15.31 21.97
C ALA A 176 -1.59 -15.70 23.06
N ASN A 177 -1.09 -14.72 23.80
CA ASN A 177 -0.23 -14.96 24.96
C ASN A 177 -1.11 -15.39 26.13
N HIS A 178 -1.59 -16.62 26.05
CA HIS A 178 -2.48 -17.19 27.05
C HIS A 178 -1.87 -18.48 27.58
N LYS A 179 -1.93 -18.66 28.90
CA LYS A 179 -1.25 -19.76 29.59
C LYS A 179 -2.20 -20.96 29.71
N ASN A 180 -2.12 -21.88 28.73
CA ASN A 180 -3.01 -23.02 28.70
C ASN A 180 -2.30 -24.37 28.69
N GLY A 181 -0.99 -24.39 28.52
CA GLY A 181 -0.38 -25.62 28.07
C GLY A 181 -0.74 -25.94 26.64
N MET A 182 -1.23 -24.95 25.89
CA MET A 182 -1.58 -25.12 24.49
C MET A 182 -1.13 -23.88 23.72
N LEU A 183 -0.97 -24.08 22.41
CA LEU A 183 -0.78 -22.98 21.47
C LEU A 183 -2.16 -22.41 21.14
N ASN A 184 -2.39 -21.16 21.49
CA ASN A 184 -3.72 -20.56 21.40
C ASN A 184 -3.72 -19.51 20.29
N LEU A 185 -4.49 -19.77 19.22
CA LEU A 185 -4.62 -18.86 18.08
C LEU A 185 -5.92 -18.06 18.12
N VAL A 186 -5.89 -16.91 17.46
CA VAL A 186 -7.08 -16.27 16.94
C VAL A 186 -6.90 -16.13 15.42
N ILE A 187 -7.91 -16.55 14.67
CA ILE A 187 -7.83 -16.64 13.22
C ILE A 187 -8.85 -15.67 12.67
N GLY A 188 -8.39 -14.67 11.94
CA GLY A 188 -9.24 -13.61 11.42
C GLY A 188 -9.43 -13.72 9.92
N ILE A 189 -10.68 -13.58 9.47
CA ILE A 189 -11.01 -13.75 8.08
C ILE A 189 -11.96 -12.65 7.62
N GLY A 190 -11.60 -11.99 6.53
CA GLY A 190 -12.47 -11.05 5.86
C GLY A 190 -12.67 -11.45 4.42
N ILE A 191 -13.92 -11.51 3.97
CA ILE A 191 -14.22 -11.92 2.61
C ILE A 191 -15.13 -10.86 2.00
N ASN A 192 -14.64 -10.18 0.96
CA ASN A 192 -15.39 -9.12 0.31
C ASN A 192 -16.63 -9.69 -0.33
N VAL A 193 -17.80 -9.15 0.03
CA VAL A 193 -19.07 -9.62 -0.55
C VAL A 193 -19.67 -8.57 -1.48
N SER A 194 -19.95 -7.37 -0.98
CA SER A 194 -20.37 -6.26 -1.83
C SER A 194 -19.72 -4.99 -1.31
N LEU A 195 -18.75 -4.47 -2.05
CA LEU A 195 -17.97 -3.35 -1.57
C LEU A 195 -18.58 -2.00 -1.96
N SER A 196 -17.93 -0.95 -1.48
CA SER A 196 -18.31 0.45 -1.68
C SER A 196 -19.81 0.69 -1.73
N SER A 202 -7.21 0.84 -3.23
CA SER A 202 -5.88 0.87 -3.85
C SER A 202 -5.80 -0.09 -5.04
N GLN A 203 -5.25 -1.27 -4.79
CA GLN A 203 -5.22 -2.31 -5.80
C GLN A 203 -6.65 -2.73 -6.15
N PRO A 204 -6.84 -3.38 -7.30
CA PRO A 204 -8.18 -3.89 -7.62
C PRO A 204 -8.54 -5.04 -6.68
N TYR A 205 -9.84 -5.15 -6.40
CA TYR A 205 -10.33 -6.09 -5.40
C TYR A 205 -11.52 -6.85 -5.97
N ALA A 206 -11.75 -8.05 -5.46
CA ALA A 206 -12.87 -8.88 -5.89
C ALA A 206 -13.93 -9.00 -4.80
N GLU A 207 -15.17 -9.22 -5.20
CA GLU A 207 -16.26 -9.38 -4.25
C GLU A 207 -17.17 -10.51 -4.71
N VAL A 208 -17.75 -11.23 -3.73
CA VAL A 208 -18.49 -12.45 -4.05
C VAL A 208 -19.69 -12.14 -4.94
N CYS A 209 -20.28 -10.94 -4.80
CA CYS A 209 -21.43 -10.53 -5.61
C CYS A 209 -21.15 -10.63 -7.10
N GLU A 210 -19.90 -10.41 -7.52
CA GLU A 210 -19.52 -10.63 -8.90
C GLU A 210 -19.89 -12.05 -9.35
N ILE A 211 -19.60 -13.04 -8.52
CA ILE A 211 -19.72 -14.43 -8.96
C ILE A 211 -21.14 -14.95 -8.78
N ASP A 212 -21.76 -14.65 -7.63
CA ASP A 212 -23.10 -15.13 -7.34
C ASP A 212 -23.90 -13.95 -6.80
N PRO A 213 -24.65 -13.26 -7.66
CA PRO A 213 -25.37 -12.06 -7.21
C PRO A 213 -26.39 -12.34 -6.12
N ASP A 214 -26.83 -13.59 -5.97
CA ASP A 214 -27.80 -13.98 -4.96
C ASP A 214 -27.16 -14.54 -3.71
N VAL A 215 -25.84 -14.36 -3.55
CA VAL A 215 -25.15 -14.73 -2.31
C VAL A 215 -25.94 -14.22 -1.11
N GLU A 216 -25.90 -15.00 -0.03
CA GLU A 216 -26.50 -14.59 1.23
C GLU A 216 -25.46 -14.81 2.33
N ARG A 217 -24.99 -13.71 2.91
CA ARG A 217 -24.02 -13.81 3.99
C ARG A 217 -24.51 -14.75 5.07
N GLN A 218 -25.82 -14.79 5.27
CA GLN A 218 -26.39 -15.58 6.36
C GLN A 218 -26.11 -17.08 6.21
N THR A 219 -26.06 -17.60 4.98
CA THR A 219 -25.80 -19.03 4.83
C THR A 219 -24.40 -19.35 4.33
N LEU A 220 -23.68 -18.38 3.79
CA LEU A 220 -22.31 -18.63 3.35
C LEU A 220 -21.36 -18.69 4.55
N LEU A 221 -21.56 -17.80 5.53
CA LEU A 221 -20.77 -17.83 6.76
C LEU A 221 -20.73 -19.21 7.40
N PRO A 222 -21.85 -19.89 7.68
CA PRO A 222 -21.74 -21.23 8.28
C PRO A 222 -21.13 -22.24 7.31
N LYS A 223 -21.33 -22.05 6.00
CA LYS A 223 -20.70 -22.96 5.06
C LYS A 223 -19.18 -22.81 5.09
N LEU A 224 -18.70 -21.58 5.17
CA LEU A 224 -17.26 -21.36 5.27
C LEU A 224 -16.72 -22.00 6.54
N ILE A 225 -17.37 -21.73 7.68
CA ILE A 225 -16.84 -22.17 8.96
C ILE A 225 -16.89 -23.69 9.09
N GLN A 226 -17.93 -24.34 8.56
CA GLN A 226 -18.02 -25.79 8.71
C GLN A 226 -16.88 -26.48 7.99
N HIS A 227 -16.54 -25.99 6.78
CA HIS A 227 -15.43 -26.56 6.00
C HIS A 227 -14.08 -26.17 6.56
N LEU A 228 -13.92 -24.90 6.91
CA LEU A 228 -12.70 -24.44 7.56
C LEU A 228 -12.33 -25.34 8.73
N TYR A 229 -13.28 -25.53 9.65
CA TYR A 229 -13.04 -26.36 10.82
C TYR A 229 -12.65 -27.77 10.43
N THR A 230 -13.31 -28.29 9.39
CA THR A 230 -12.98 -29.63 8.92
C THR A 230 -11.56 -29.69 8.39
N ARG A 231 -11.23 -28.79 7.44
CA ARG A 231 -9.87 -28.73 6.92
C ARG A 231 -8.86 -28.63 8.06
N LEU A 232 -9.17 -27.86 9.09
CA LEU A 232 -8.24 -27.72 10.20
C LEU A 232 -8.05 -29.06 10.91
N ASN A 233 -9.15 -29.80 11.14
CA ASN A 233 -9.01 -31.07 11.84
C ASN A 233 -8.16 -32.03 11.05
N ILE A 234 -8.34 -32.07 9.73
CA ILE A 234 -7.48 -32.86 8.85
C ILE A 234 -6.03 -32.43 8.97
N PHE A 235 -5.80 -31.13 9.17
CA PHE A 235 -4.43 -30.64 9.29
C PHE A 235 -3.77 -31.13 10.59
N GLU A 236 -4.52 -31.15 11.70
CA GLU A 236 -4.00 -31.72 12.95
C GLU A 236 -3.61 -33.18 12.80
N GLN A 237 -4.19 -33.89 11.83
CA GLN A 237 -3.80 -35.27 11.65
C GLN A 237 -2.70 -35.40 10.61
N ASN A 238 -2.85 -34.70 9.47
CA ASN A 238 -2.04 -35.03 8.30
C ASN A 238 -1.09 -33.94 7.86
N GLY A 239 -1.27 -32.71 8.33
CA GLY A 239 -0.35 -31.69 7.93
C GLY A 239 -0.42 -31.39 6.44
N ILE A 240 0.66 -30.77 5.97
CA ILE A 240 0.82 -30.47 4.54
C ILE A 240 1.24 -31.77 3.85
N ASP A 241 0.35 -32.76 3.86
CA ASP A 241 0.69 -34.06 3.30
C ASP A 241 0.47 -34.02 1.79
N GLU A 242 0.51 -35.17 1.13
CA GLU A 242 0.51 -35.14 -0.31
C GLU A 242 -0.89 -34.89 -0.89
N GLU A 243 -1.94 -35.33 -0.19
CA GLU A 243 -3.31 -34.93 -0.56
C GLU A 243 -3.44 -33.43 -0.56
N PHE A 244 -2.98 -32.77 0.52
CA PHE A 244 -3.08 -31.31 0.58
C PHE A 244 -2.40 -30.68 -0.63
N GLN A 245 -1.13 -31.02 -0.86
CA GLN A 245 -0.39 -30.44 -1.99
C GLN A 245 -1.13 -30.63 -3.29
N GLN A 246 -1.86 -31.72 -3.45
CA GLN A 246 -2.63 -31.88 -4.68
C GLN A 246 -3.85 -30.96 -4.66
N ALA A 247 -4.55 -30.88 -3.53
CA ALA A 247 -5.70 -29.99 -3.45
C ALA A 247 -5.28 -28.54 -3.68
N TRP A 248 -4.16 -28.14 -3.05
CA TRP A 248 -3.56 -26.83 -3.27
C TRP A 248 -3.34 -26.55 -4.75
N GLN A 249 -2.58 -27.44 -5.42
CA GLN A 249 -2.27 -27.29 -6.83
C GLN A 249 -3.51 -26.98 -7.66
N SER A 250 -4.59 -27.73 -7.42
CA SER A 250 -5.79 -27.55 -8.22
C SER A 250 -6.41 -26.17 -8.03
N TYR A 251 -6.16 -25.52 -6.89
CA TYR A 251 -6.74 -24.21 -6.59
C TYR A 251 -5.73 -23.08 -6.69
N ASN A 252 -4.46 -23.43 -6.89
CA ASN A 252 -3.35 -22.50 -6.91
C ASN A 252 -3.39 -21.67 -8.19
N ALA A 253 -3.67 -20.38 -8.05
CA ALA A 253 -3.71 -19.52 -9.22
C ALA A 253 -2.34 -19.32 -9.86
N PHE A 254 -1.25 -19.75 -9.22
CA PHE A 254 0.10 -19.49 -9.69
C PHE A 254 0.85 -20.79 -9.92
N SER A 255 0.15 -21.90 -10.10
CA SER A 255 0.80 -23.19 -10.31
C SER A 255 1.68 -23.17 -11.55
N ASN A 256 2.94 -23.57 -11.38
CA ASN A 256 3.92 -23.67 -12.46
C ASN A 256 4.02 -22.42 -13.31
N SER A 257 3.78 -21.24 -12.74
CA SER A 257 3.89 -19.98 -13.46
C SER A 257 5.27 -19.38 -13.29
N GLU A 258 5.62 -18.46 -14.20
CA GLU A 258 6.81 -17.64 -14.06
C GLU A 258 6.49 -16.52 -13.09
N ILE A 259 7.25 -16.44 -12.01
CA ILE A 259 6.89 -15.54 -10.93
C ILE A 259 8.11 -14.72 -10.52
N ASN A 260 7.83 -13.60 -9.88
CA ASN A 260 8.82 -12.83 -9.17
C ASN A 260 8.57 -13.03 -7.70
N VAL A 261 9.63 -13.32 -6.96
CA VAL A 261 9.54 -13.49 -5.51
C VAL A 261 10.20 -12.29 -4.85
N LEU A 262 9.41 -11.55 -4.06
CA LEU A 262 9.89 -10.31 -3.45
C LEU A 262 10.24 -10.57 -1.98
N THR A 263 11.52 -10.58 -1.68
CA THR A 263 12.02 -10.66 -0.32
C THR A 263 12.67 -9.34 0.08
N GLU A 264 13.02 -9.24 1.37
CA GLU A 264 13.66 -8.03 1.85
C GLU A 264 15.01 -7.82 1.18
N GLN A 265 15.63 -8.89 0.69
CA GLN A 265 16.94 -8.80 0.08
C GLN A 265 16.89 -8.57 -1.42
N GLY A 266 15.71 -8.23 -1.96
CA GLY A 266 15.55 -8.08 -3.41
C GLY A 266 14.57 -9.04 -4.07
N VAL A 267 14.61 -9.11 -5.40
CA VAL A 267 13.71 -9.96 -6.18
C VAL A 267 14.49 -11.15 -6.70
N ILE A 268 13.93 -12.34 -6.53
CA ILE A 268 14.38 -13.54 -7.24
C ILE A 268 13.21 -14.07 -8.05
N SER A 269 13.52 -14.65 -9.21
CA SER A 269 12.53 -15.04 -10.21
C SER A 269 12.69 -16.51 -10.57
N GLY A 270 11.64 -17.05 -11.20
CA GLY A 270 11.70 -18.41 -11.67
C GLY A 270 10.32 -18.97 -11.95
N ILE A 271 10.22 -20.28 -11.82
CA ILE A 271 9.00 -21.01 -12.07
C ILE A 271 8.54 -21.61 -10.76
N GLU A 272 7.26 -21.39 -10.43
CA GLU A 272 6.69 -21.93 -9.21
C GLU A 272 6.57 -23.45 -9.27
N GLN A 273 6.95 -24.11 -8.19
CA GLN A 273 6.82 -25.55 -8.07
C GLN A 273 6.01 -25.93 -6.83
N GLY A 274 4.88 -25.27 -6.60
CA GLY A 274 4.06 -25.68 -5.46
C GLY A 274 4.73 -25.46 -4.11
N ILE A 275 4.45 -26.38 -3.18
CA ILE A 275 4.80 -26.22 -1.78
C ILE A 275 5.40 -27.51 -1.23
N ASP A 276 6.22 -27.37 -0.21
CA ASP A 276 6.89 -28.49 0.44
C ASP A 276 6.07 -28.94 1.65
N GLU A 277 6.68 -29.72 2.56
CA GLU A 277 5.95 -30.30 3.68
C GLU A 277 5.67 -29.29 4.79
N ARG A 278 6.41 -28.19 4.82
CA ARG A 278 6.19 -27.15 5.82
C ARG A 278 5.30 -26.03 5.32
N GLY A 279 4.82 -26.08 4.07
CA GLY A 279 4.09 -24.99 3.47
C GLY A 279 4.95 -23.94 2.81
N TYR A 280 6.28 -24.12 2.80
CA TYR A 280 7.18 -23.20 2.12
C TYR A 280 6.94 -23.17 0.62
N LEU A 281 7.09 -21.98 0.03
CA LEU A 281 6.99 -21.89 -1.43
C LEU A 281 8.22 -22.51 -2.09
N LYS A 282 7.96 -23.29 -3.14
CA LYS A 282 9.00 -23.95 -3.93
C LYS A 282 9.10 -23.22 -5.26
N VAL A 283 10.32 -22.81 -5.60
CA VAL A 283 10.55 -22.03 -6.82
C VAL A 283 11.81 -22.53 -7.50
N LEU A 284 11.72 -22.84 -8.80
CA LEU A 284 12.92 -23.26 -9.53
C LEU A 284 13.66 -21.99 -9.96
N CYS A 285 14.75 -21.69 -9.27
CA CYS A 285 15.51 -20.47 -9.53
C CYS A 285 16.85 -20.86 -10.15
N GLY A 286 17.05 -20.48 -11.41
CA GLY A 286 18.23 -20.91 -12.12
C GLY A 286 18.24 -22.42 -12.25
N ASN A 287 19.13 -23.09 -11.51
CA ASN A 287 19.25 -24.56 -11.59
C ASN A 287 18.92 -25.27 -10.29
N LYS A 288 18.49 -24.57 -9.23
CA LYS A 288 18.09 -25.23 -8.00
C LYS A 288 16.65 -24.85 -7.62
N ILE A 289 16.04 -25.66 -6.77
CA ILE A 289 14.79 -25.27 -6.14
C ILE A 289 15.11 -24.54 -4.84
N GLN A 290 14.75 -23.28 -4.76
CA GLN A 290 14.87 -22.52 -3.53
C GLN A 290 13.51 -22.44 -2.83
N MET A 291 13.54 -22.33 -1.51
CA MET A 291 12.33 -22.34 -0.72
C MET A 291 12.20 -21.05 0.08
N PHE A 292 10.96 -20.64 0.34
CA PHE A 292 10.73 -19.41 1.09
C PHE A 292 9.61 -19.63 2.08
N ASN A 293 9.76 -18.96 3.23
CA ASN A 293 8.83 -18.97 4.34
C ASN A 293 7.95 -17.73 4.22
N GLY A 294 6.64 -17.91 4.44
CA GLY A 294 5.60 -16.95 4.07
C GLY A 294 5.65 -15.56 4.71
N GLY A 295 6.36 -15.40 5.83
CA GLY A 295 6.42 -14.10 6.48
C GLY A 295 6.93 -12.99 5.60
N GLU A 296 6.08 -11.99 5.35
CA GLU A 296 6.43 -10.79 4.58
C GLU A 296 6.70 -11.06 3.09
N VAL A 297 7.42 -12.14 2.74
CA VAL A 297 7.74 -12.40 1.35
C VAL A 297 6.47 -12.40 0.50
N SER A 298 6.53 -11.74 -0.65
CA SER A 298 5.37 -11.64 -1.52
C SER A 298 5.65 -12.27 -2.88
N LEU A 299 4.57 -12.45 -3.64
CA LEU A 299 4.58 -13.16 -4.92
C LEU A 299 3.96 -12.28 -6.00
N ARG A 300 4.50 -12.35 -7.22
CA ARG A 300 3.95 -11.64 -8.37
C ARG A 300 4.18 -12.46 -9.64
N LYS A 301 3.24 -12.35 -10.58
CA LYS A 301 3.40 -12.97 -11.89
C LYS A 301 4.31 -12.09 -12.77
N LYS A 302 5.38 -12.68 -13.30
CA LYS A 302 6.19 -12.05 -14.33
C LYS A 302 5.33 -11.78 -15.56
N MET B 1 35.63 3.65 -7.86
CA MET B 1 34.19 3.73 -7.62
C MET B 1 33.45 2.65 -8.40
N MET B 2 32.90 2.95 -9.59
CA MET B 2 32.05 1.99 -10.27
C MET B 2 32.43 1.85 -11.74
N ASN B 3 32.34 0.62 -12.25
CA ASN B 3 32.52 0.33 -13.67
C ASN B 3 31.15 0.38 -14.35
N PHE B 4 30.76 1.61 -14.71
CA PHE B 4 29.45 1.93 -15.27
C PHE B 4 29.03 0.95 -16.36
N THR B 5 29.96 0.52 -17.20
CA THR B 5 29.58 -0.35 -18.31
C THR B 5 29.11 -1.71 -17.80
N LEU B 6 29.90 -2.32 -16.90
CA LEU B 6 29.52 -3.57 -16.27
C LEU B 6 28.12 -3.49 -15.67
N LEU B 7 27.88 -2.44 -14.87
CA LEU B 7 26.56 -2.19 -14.32
C LEU B 7 25.52 -2.16 -15.43
N THR B 8 25.80 -1.37 -16.49
CA THR B 8 24.90 -1.27 -17.63
C THR B 8 24.65 -2.64 -18.23
N TYR B 9 25.69 -3.45 -18.39
CA TYR B 9 25.48 -4.81 -18.90
C TYR B 9 24.68 -5.65 -17.91
N LEU B 10 24.81 -5.37 -16.61
CA LEU B 10 24.10 -6.09 -15.56
C LEU B 10 22.70 -5.59 -15.31
N ALA B 11 22.34 -4.44 -15.90
CA ALA B 11 21.10 -3.76 -15.53
C ALA B 11 19.85 -4.52 -15.94
N ASP B 12 19.94 -5.44 -16.90
CA ASP B 12 18.76 -6.22 -17.24
C ASP B 12 18.37 -7.19 -16.13
N CYS B 13 19.22 -7.36 -15.12
CA CYS B 13 18.98 -8.22 -13.97
C CYS B 13 18.85 -9.68 -14.36
N GLN B 14 19.36 -10.01 -15.47
CA GLN B 14 19.37 -11.37 -15.95
C GLN B 14 20.67 -12.06 -15.52
N PRO B 15 20.61 -13.38 -15.35
CA PRO B 15 21.82 -14.13 -15.03
C PRO B 15 22.84 -14.03 -16.15
N LYS B 16 24.10 -13.85 -15.77
CA LYS B 16 25.19 -13.70 -16.72
C LYS B 16 26.35 -14.60 -16.27
N VAL B 17 27.26 -14.87 -17.20
CA VAL B 17 28.39 -15.77 -16.94
C VAL B 17 29.69 -14.99 -17.00
N ARG B 18 30.67 -15.44 -16.19
CA ARG B 18 31.95 -14.73 -16.06
C ARG B 18 32.66 -14.56 -17.41
N SER B 19 32.38 -15.45 -18.37
CA SER B 19 32.87 -15.21 -19.73
C SER B 19 32.35 -13.89 -20.28
N GLU B 20 31.02 -13.69 -20.22
CA GLU B 20 30.45 -12.44 -20.73
C GLU B 20 30.90 -11.25 -19.89
N LEU B 21 31.20 -11.45 -18.60
CA LEU B 21 31.59 -10.35 -17.73
C LEU B 21 33.08 -10.06 -17.75
N GLU B 22 33.83 -10.63 -18.69
CA GLU B 22 35.24 -10.27 -18.78
C GLU B 22 35.36 -8.82 -19.25
N LYS B 23 34.94 -7.89 -18.40
CA LYS B 23 34.99 -6.48 -18.71
C LYS B 23 35.82 -5.74 -17.66
N LEU B 28 37.62 -8.16 -12.24
CA LEU B 28 36.21 -8.49 -12.13
C LEU B 28 35.74 -8.42 -10.68
N GLU B 29 36.37 -9.22 -9.81
CA GLU B 29 35.95 -9.29 -8.41
C GLU B 29 36.17 -7.97 -7.68
N GLU B 30 37.14 -7.16 -8.14
CA GLU B 30 37.34 -5.86 -7.52
C GLU B 30 36.15 -4.94 -7.77
N ASP B 31 35.75 -4.80 -9.04
CA ASP B 31 34.69 -3.86 -9.40
C ASP B 31 33.32 -4.32 -8.85
N ILE B 32 33.12 -5.63 -8.73
CA ILE B 32 31.88 -6.16 -8.15
C ILE B 32 31.74 -5.74 -6.69
N GLN B 33 32.83 -5.88 -5.93
CA GLN B 33 32.80 -5.38 -4.55
C GLN B 33 32.72 -3.87 -4.52
N GLN B 34 33.32 -3.19 -5.49
CA GLN B 34 33.15 -1.76 -5.62
C GLN B 34 31.68 -1.39 -5.83
N LEU B 35 30.95 -2.20 -6.61
CA LEU B 35 29.50 -2.02 -6.77
C LEU B 35 28.73 -2.39 -5.50
N ARG B 36 29.18 -3.41 -4.76
CA ARG B 36 28.52 -3.74 -3.51
C ARG B 36 28.77 -2.70 -2.44
N GLU B 37 29.97 -2.12 -2.43
CA GLU B 37 30.28 -1.06 -1.47
C GLU B 37 29.45 0.18 -1.75
N ILE B 38 29.30 0.55 -3.03
CA ILE B 38 28.35 1.59 -3.41
C ILE B 38 26.94 1.20 -2.97
N GLY B 39 26.58 -0.07 -3.13
CA GLY B 39 25.34 -0.53 -2.56
C GLY B 39 24.50 -1.40 -3.49
N LEU B 40 24.91 -1.54 -4.74
CA LEU B 40 24.23 -2.50 -5.59
C LEU B 40 24.46 -3.91 -5.06
N ASP B 41 23.47 -4.76 -5.25
CA ASP B 41 23.50 -6.13 -4.73
C ASP B 41 23.76 -7.08 -5.88
N ILE B 42 24.93 -7.72 -5.87
CA ILE B 42 25.34 -8.62 -6.95
C ILE B 42 25.58 -10.01 -6.34
N LEU B 43 24.61 -10.92 -6.53
CA LEU B 43 24.69 -12.27 -6.00
C LEU B 43 25.23 -13.24 -7.05
N VAL B 44 26.10 -14.15 -6.60
CA VAL B 44 26.72 -15.17 -7.46
C VAL B 44 26.31 -16.54 -6.93
N ASP B 45 25.77 -17.38 -7.83
CA ASP B 45 25.36 -18.75 -7.48
C ASP B 45 26.07 -19.69 -8.45
N GLY B 46 27.28 -20.10 -8.09
CA GLY B 46 28.05 -20.97 -8.95
C GLY B 46 28.78 -20.22 -10.04
N GLN B 47 28.36 -20.42 -11.29
CA GLN B 47 28.98 -19.72 -12.40
C GLN B 47 28.20 -18.49 -12.84
N ASP B 48 26.95 -18.36 -12.42
CA ASP B 48 26.04 -17.32 -12.92
C ASP B 48 25.94 -16.15 -11.94
N TYR B 49 26.13 -14.92 -12.46
CA TYR B 49 26.05 -13.66 -11.73
C TYR B 49 24.75 -12.94 -12.04
N ARG B 50 24.23 -12.21 -11.04
CA ARG B 50 23.03 -11.42 -11.30
C ARG B 50 23.01 -10.18 -10.42
N LEU B 51 22.70 -9.05 -11.05
CA LEU B 51 22.29 -7.87 -10.31
C LEU B 51 20.89 -8.10 -9.76
N VAL B 52 20.65 -7.65 -8.53
CA VAL B 52 19.41 -8.03 -7.88
C VAL B 52 18.55 -6.79 -7.70
N PRO B 53 17.42 -6.69 -8.40
CA PRO B 53 16.53 -5.53 -8.20
C PRO B 53 15.76 -5.66 -6.90
N MET B 54 15.49 -4.51 -6.30
CA MET B 54 14.61 -4.50 -5.14
C MET B 54 13.16 -4.81 -5.52
N LEU B 55 12.77 -4.58 -6.77
CA LEU B 55 11.39 -4.73 -7.19
C LEU B 55 11.39 -5.18 -8.64
N PRO B 56 10.27 -5.68 -9.15
CA PRO B 56 10.28 -6.13 -10.55
C PRO B 56 10.55 -4.94 -11.45
N LEU B 57 11.35 -5.17 -12.50
CA LEU B 57 11.73 -4.12 -13.42
C LEU B 57 10.51 -3.60 -14.19
N LEU B 58 10.54 -2.33 -14.53
CA LEU B 58 9.43 -1.74 -15.25
C LEU B 58 9.45 -2.19 -16.70
N ASN B 59 8.31 -2.05 -17.36
CA ASN B 59 8.21 -2.38 -18.77
C ASN B 59 7.94 -1.11 -19.56
N PRO B 60 8.89 -0.67 -20.39
CA PRO B 60 8.72 0.60 -21.13
C PRO B 60 7.51 0.62 -22.03
N GLN B 61 7.30 -0.48 -22.77
CA GLN B 61 6.19 -0.54 -23.73
C GLN B 61 4.85 -0.36 -23.04
N GLN B 62 4.70 -0.90 -21.84
CA GLN B 62 3.44 -0.70 -21.13
C GLN B 62 3.30 0.73 -20.63
N ILE B 63 4.41 1.34 -20.15
CA ILE B 63 4.34 2.74 -19.72
C ILE B 63 3.90 3.62 -20.88
N SER B 64 4.50 3.41 -22.06
CA SER B 64 4.17 4.26 -23.21
C SER B 64 2.71 4.09 -23.61
N THR B 65 2.18 2.88 -23.50
CA THR B 65 0.77 2.67 -23.86
C THR B 65 -0.16 3.21 -22.78
N ALA B 66 0.22 3.07 -21.50
CA ALA B 66 -0.54 3.68 -20.42
C ALA B 66 -0.49 5.21 -20.42
N LEU B 67 0.52 5.82 -21.03
CA LEU B 67 0.64 7.27 -20.95
C LEU B 67 0.55 7.96 -22.30
N PHE B 68 0.16 7.25 -23.35
CA PHE B 68 0.05 7.87 -24.65
C PHE B 68 -0.78 9.16 -24.57
N PRO B 69 -0.43 10.22 -25.31
CA PRO B 69 0.61 10.37 -26.33
C PRO B 69 1.90 10.94 -25.76
N TYR B 70 2.08 10.89 -24.45
CA TYR B 70 3.32 11.37 -23.85
C TYR B 70 4.43 10.37 -24.11
N SER B 71 5.58 10.86 -24.58
CA SER B 71 6.71 9.99 -24.87
C SER B 71 7.49 9.68 -23.61
N ILE B 72 7.98 8.45 -23.52
CA ILE B 72 8.69 7.94 -22.35
C ILE B 72 10.09 7.50 -22.76
N HIS B 73 11.10 7.95 -22.03
CA HIS B 73 12.43 7.36 -22.18
C HIS B 73 12.70 6.53 -20.93
N TYR B 74 12.93 5.25 -21.11
CA TYR B 74 13.23 4.37 -20.00
C TYR B 74 14.69 3.97 -20.09
N GLN B 75 15.39 4.09 -18.99
CA GLN B 75 16.79 3.74 -18.92
C GLN B 75 17.07 3.16 -17.56
N PRO B 76 17.48 1.90 -17.45
CA PRO B 76 17.73 1.34 -16.12
C PRO B 76 18.70 2.15 -15.28
N ILE B 77 19.89 2.42 -15.81
CA ILE B 77 20.87 3.24 -15.10
C ILE B 77 20.97 4.57 -15.82
N ILE B 78 21.15 5.64 -15.05
CA ILE B 78 21.26 6.99 -15.57
C ILE B 78 21.92 7.85 -14.50
N SER B 79 22.45 8.99 -14.89
CA SER B 79 23.00 9.89 -13.88
C SER B 79 21.88 10.50 -13.03
N SER B 80 20.82 10.96 -13.68
CA SER B 80 19.71 11.62 -13.01
C SER B 80 18.61 11.89 -14.03
N THR B 81 17.38 11.46 -13.76
CA THR B 81 16.35 11.60 -14.77
C THR B 81 16.13 13.06 -15.11
N ASN B 82 16.49 13.97 -14.19
CA ASN B 82 16.38 15.40 -14.45
C ASN B 82 17.37 15.84 -15.53
N GLU B 83 18.62 15.39 -15.42
CA GLU B 83 19.59 15.64 -16.49
C GLU B 83 19.05 15.24 -17.86
N TRP B 84 18.63 13.97 -18.02
CA TRP B 84 18.25 13.52 -19.36
C TRP B 84 17.18 14.44 -19.97
N ILE B 85 16.20 14.88 -19.18
CA ILE B 85 15.24 15.84 -19.69
C ILE B 85 15.93 17.14 -20.09
N LEU B 86 16.95 17.54 -19.35
CA LEU B 86 17.58 18.82 -19.65
C LEU B 86 18.34 18.74 -20.97
N GLN B 87 19.09 17.66 -21.17
CA GLN B 87 19.86 17.48 -22.40
C GLN B 87 19.00 17.10 -23.61
N ASN B 88 17.76 16.68 -23.43
CA ASN B 88 16.93 16.29 -24.56
C ASN B 88 15.75 17.21 -24.76
N ILE B 89 15.80 18.40 -24.12
CA ILE B 89 14.68 19.33 -24.08
C ILE B 89 14.17 19.68 -25.47
N LEU B 90 15.07 19.70 -26.47
CA LEU B 90 14.67 20.10 -27.82
C LEU B 90 13.80 19.06 -28.49
N SER B 91 13.88 17.80 -28.06
CA SER B 91 13.13 16.69 -28.66
C SER B 91 11.76 16.50 -28.07
N LEU B 92 11.39 17.30 -27.05
CA LEU B 92 10.26 16.98 -26.19
C LEU B 92 9.11 17.94 -26.45
N LYS B 93 7.90 17.45 -26.16
CA LYS B 93 6.69 18.22 -25.96
C LYS B 93 6.27 18.14 -24.49
N LYS B 94 5.36 19.04 -24.10
CA LYS B 94 4.87 19.11 -22.73
C LYS B 94 4.44 17.74 -22.22
N GLY B 95 5.12 17.24 -21.18
CA GLY B 95 4.73 16.01 -20.50
C GLY B 95 5.53 14.77 -20.86
N ASP B 96 6.46 14.87 -21.80
CA ASP B 96 7.35 13.75 -22.06
C ASP B 96 8.15 13.45 -20.80
N LEU B 97 8.48 12.18 -20.59
CA LEU B 97 9.01 11.72 -19.32
C LEU B 97 10.34 11.02 -19.51
N CYS B 98 11.17 11.05 -18.46
CA CYS B 98 12.27 10.08 -18.33
C CYS B 98 12.11 9.29 -17.03
N VAL B 99 12.21 7.97 -17.13
CA VAL B 99 12.07 7.06 -16.00
C VAL B 99 13.33 6.22 -15.88
N ALA B 100 13.69 5.86 -14.64
CA ALA B 100 14.86 5.03 -14.43
C ALA B 100 14.66 4.14 -13.22
N GLU B 101 15.59 3.20 -13.05
CA GLU B 101 15.62 2.29 -11.89
C GLU B 101 16.64 2.72 -10.85
N TYR B 102 17.75 3.31 -11.29
CA TYR B 102 18.87 3.65 -10.44
C TYR B 102 19.50 4.91 -11.00
N GLN B 103 19.84 5.84 -10.11
CA GLN B 103 20.46 7.10 -10.47
C GLN B 103 21.86 7.13 -9.86
N THR B 104 22.89 7.18 -10.71
CA THR B 104 24.25 7.26 -10.17
C THR B 104 24.52 8.61 -9.53
N ALA B 105 23.83 9.66 -9.95
CA ALA B 105 24.02 10.99 -9.37
C ALA B 105 22.65 11.64 -9.14
N GLY B 106 21.77 10.90 -8.46
CA GLY B 106 20.49 11.47 -8.09
C GLY B 106 20.69 12.70 -7.23
N ARG B 107 19.86 13.72 -7.46
CA ARG B 107 20.09 15.01 -6.85
C ARG B 107 18.84 15.51 -6.15
N GLY B 108 19.04 16.10 -4.98
CA GLY B 108 18.03 16.87 -4.26
C GLY B 108 18.19 18.35 -4.50
N ARG B 109 17.73 19.16 -3.54
CA ARG B 109 17.97 20.59 -3.59
C ARG B 109 19.39 20.89 -3.12
N ARG B 110 20.04 21.86 -3.78
CA ARG B 110 21.22 22.52 -3.23
C ARG B 110 22.36 21.53 -2.98
N GLY B 111 22.78 20.85 -4.04
CA GLY B 111 23.92 19.95 -3.95
C GLY B 111 23.66 18.67 -3.19
N ARG B 112 22.48 18.48 -2.62
CA ARG B 112 22.19 17.28 -1.88
C ARG B 112 21.91 16.11 -2.84
N GLN B 113 22.29 14.92 -2.39
CA GLN B 113 22.10 13.70 -3.16
C GLN B 113 20.74 13.07 -2.87
N TRP B 114 20.25 12.31 -3.84
CA TRP B 114 19.05 11.50 -3.65
C TRP B 114 19.47 10.04 -3.70
N LEU B 115 19.12 9.27 -2.68
CA LEU B 115 19.54 7.89 -2.67
C LEU B 115 18.38 7.00 -3.06
N SER B 116 18.70 5.92 -3.78
CA SER B 116 17.69 4.96 -4.11
C SER B 116 18.38 3.62 -4.35
N PRO B 117 17.80 2.52 -3.88
CA PRO B 117 18.24 1.21 -4.35
C PRO B 117 17.84 1.00 -5.79
N PHE B 118 18.47 0.01 -6.42
CA PHE B 118 18.10 -0.37 -7.77
C PHE B 118 16.66 -0.87 -7.80
N ALA B 119 15.80 -0.15 -8.51
CA ALA B 119 14.42 -0.54 -8.74
C ALA B 119 13.57 -0.50 -7.49
N GLY B 120 13.98 0.24 -6.47
CA GLY B 120 13.15 0.39 -5.31
C GLY B 120 12.35 1.68 -5.22
N GLN B 121 12.31 2.48 -6.28
CA GLN B 121 11.62 3.77 -6.24
C GLN B 121 10.78 3.93 -7.49
N ILE B 122 9.86 4.90 -7.41
CA ILE B 122 9.32 5.54 -8.60
C ILE B 122 10.21 6.74 -8.85
N MET B 123 11.07 6.68 -9.88
CA MET B 123 11.98 7.76 -10.23
C MET B 123 11.64 8.26 -11.62
N PHE B 124 11.10 9.48 -11.71
CA PHE B 124 10.86 10.02 -13.04
C PHE B 124 10.93 11.54 -13.07
N SER B 125 11.21 12.07 -14.26
CA SER B 125 11.20 13.50 -14.51
C SER B 125 10.40 13.74 -15.78
N PHE B 126 9.85 14.93 -15.89
CA PHE B 126 9.11 15.26 -17.09
C PHE B 126 9.30 16.73 -17.40
N TYR B 127 9.03 17.07 -18.65
CA TYR B 127 9.15 18.42 -19.15
C TYR B 127 7.81 19.14 -18.99
N TRP B 128 7.84 20.34 -18.44
CA TRP B 128 6.63 21.17 -18.38
C TRP B 128 6.97 22.59 -18.81
N ALA B 129 5.92 23.33 -19.13
CA ALA B 129 6.12 24.66 -19.68
C ALA B 129 4.90 25.51 -19.36
N PHE B 130 5.14 26.75 -19.02
CA PHE B 130 4.08 27.71 -18.75
C PHE B 130 4.22 28.93 -19.64
N ASP B 131 3.16 29.73 -19.71
CA ASP B 131 3.26 31.05 -20.34
C ASP B 131 4.14 31.92 -19.45
N PRO B 132 5.24 32.48 -19.97
CA PRO B 132 6.16 33.24 -19.10
C PRO B 132 5.51 34.35 -18.31
N LYS B 133 4.38 34.88 -18.78
CA LYS B 133 3.68 35.89 -18.00
C LYS B 133 3.15 35.30 -16.70
N LYS B 134 2.77 34.02 -16.71
CA LYS B 134 2.13 33.38 -15.58
C LYS B 134 3.16 32.91 -14.55
N SER B 135 2.86 33.15 -13.27
CA SER B 135 3.80 32.92 -12.18
C SER B 135 3.69 31.49 -11.67
N ILE B 136 4.83 30.95 -11.22
CA ILE B 136 4.89 29.57 -10.74
C ILE B 136 4.97 29.49 -9.21
N GLU B 137 4.60 30.56 -8.53
CA GLU B 137 4.52 30.51 -7.07
C GLU B 137 3.48 29.46 -6.66
N GLY B 138 3.90 28.47 -5.87
CA GLY B 138 3.00 27.45 -5.37
C GLY B 138 3.07 26.13 -6.09
N LEU B 139 3.77 26.09 -7.23
CA LEU B 139 3.89 24.88 -8.05
C LEU B 139 4.28 23.66 -7.22
N SER B 140 5.25 23.81 -6.31
CA SER B 140 5.66 22.65 -5.52
C SER B 140 4.51 22.13 -4.68
N LEU B 141 3.63 23.02 -4.20
CA LEU B 141 2.46 22.54 -3.48
C LEU B 141 1.56 21.72 -4.40
N VAL B 142 1.40 22.17 -5.63
CA VAL B 142 0.56 21.44 -6.58
C VAL B 142 1.12 20.03 -6.80
N ILE B 143 2.42 19.93 -7.08
CA ILE B 143 3.02 18.62 -7.30
C ILE B 143 2.84 17.74 -6.07
N GLY B 144 3.16 18.28 -4.89
CA GLY B 144 3.06 17.49 -3.68
C GLY B 144 1.64 17.02 -3.43
N LEU B 145 0.67 17.91 -3.63
CA LEU B 145 -0.71 17.56 -3.32
C LEU B 145 -1.22 16.50 -4.30
N ALA B 146 -0.92 16.67 -5.58
CA ALA B 146 -1.31 15.66 -6.57
C ALA B 146 -0.87 14.26 -6.14
N ILE B 147 0.37 14.13 -5.65
CA ILE B 147 0.87 12.82 -5.26
C ILE B 147 0.16 12.32 -4.00
N ALA B 148 0.02 13.19 -3.00
CA ALA B 148 -0.62 12.77 -1.76
C ALA B 148 -2.06 12.35 -2.00
N GLU B 149 -2.74 12.95 -2.98
CA GLU B 149 -4.08 12.50 -3.32
C GLU B 149 -4.06 11.10 -3.95
N VAL B 150 -3.10 10.80 -4.83
CA VAL B 150 -3.06 9.46 -5.42
C VAL B 150 -2.81 8.41 -4.33
N LEU B 151 -1.72 8.57 -3.57
CA LEU B 151 -1.25 7.59 -2.60
C LEU B 151 -2.02 7.62 -1.29
N ASN B 152 -2.90 8.60 -1.10
CA ASN B 152 -3.63 8.77 0.16
C ASN B 152 -2.69 8.91 1.34
N VAL B 153 -1.67 9.75 1.20
CA VAL B 153 -0.79 10.08 2.32
C VAL B 153 -0.97 11.57 2.63
N GLN B 154 0.00 12.16 3.32
CA GLN B 154 -0.13 13.56 3.67
C GLN B 154 1.03 14.38 3.10
N VAL B 155 0.78 15.68 2.94
CA VAL B 155 1.80 16.62 2.47
C VAL B 155 2.35 17.40 3.66
N LYS B 156 3.51 17.98 3.46
CA LYS B 156 4.09 18.93 4.39
C LYS B 156 4.66 20.05 3.53
N TRP B 157 4.44 21.28 3.96
CA TRP B 157 4.87 22.41 3.17
C TRP B 157 6.40 22.48 3.12
N PRO B 158 6.99 22.77 1.95
CA PRO B 158 6.30 22.97 0.67
C PRO B 158 6.20 21.75 -0.22
N ASN B 159 7.17 20.84 -0.18
CA ASN B 159 7.30 19.86 -1.25
C ASN B 159 7.39 18.43 -0.72
N ASP B 160 7.02 18.19 0.53
CA ASP B 160 7.32 16.89 1.12
C ASP B 160 6.10 15.99 1.10
N ILE B 161 6.36 14.70 0.90
CA ILE B 161 5.34 13.66 0.93
C ILE B 161 5.56 12.85 2.19
N LEU B 162 4.48 12.56 2.91
CA LEU B 162 4.62 12.15 4.29
C LEU B 162 3.67 10.98 4.57
N PHE B 163 4.22 9.90 5.15
CA PHE B 163 3.44 8.82 5.73
C PHE B 163 3.96 8.55 7.13
N ASP B 164 3.06 8.53 8.12
CA ASP B 164 3.44 8.36 9.53
C ASP B 164 4.50 9.39 9.91
N GLU B 165 4.31 10.61 9.42
CA GLU B 165 5.17 11.73 9.74
C GLU B 165 6.61 11.49 9.27
N ARG B 166 6.77 10.66 8.24
CA ARG B 166 8.09 10.27 7.72
C ARG B 166 8.16 10.50 6.21
N LYS B 167 9.38 10.69 5.70
CA LYS B 167 9.56 11.11 4.31
C LYS B 167 9.33 9.92 3.36
N LEU B 168 8.31 10.03 2.53
CA LEU B 168 7.98 9.03 1.52
C LEU B 168 8.59 9.34 0.16
N GLY B 169 8.94 10.59 -0.09
CA GLY B 169 9.74 10.90 -1.25
C GLY B 169 10.13 12.36 -1.32
N GLY B 170 10.56 12.77 -2.53
CA GLY B 170 10.99 14.13 -2.77
C GLY B 170 10.57 14.64 -4.12
N ILE B 171 10.45 15.97 -4.21
CA ILE B 171 10.07 16.69 -5.41
C ILE B 171 11.12 17.76 -5.69
N LEU B 172 11.62 17.83 -6.92
CA LEU B 172 12.67 18.77 -7.30
C LEU B 172 12.34 19.42 -8.64
N VAL B 173 11.91 20.69 -8.60
CA VAL B 173 11.63 21.48 -9.79
C VAL B 173 12.89 22.24 -10.20
N GLU B 174 13.29 22.12 -11.47
CA GLU B 174 14.47 22.83 -11.99
C GLU B 174 14.05 23.60 -13.24
N ILE B 175 14.76 24.71 -13.53
CA ILE B 175 14.40 25.58 -14.63
C ILE B 175 15.37 25.39 -15.79
N ALA B 176 14.85 25.09 -16.96
CA ALA B 176 15.67 24.92 -18.15
C ALA B 176 15.92 26.28 -18.78
N ASN B 177 17.20 26.60 -19.01
CA ASN B 177 17.51 27.84 -19.69
C ASN B 177 16.95 27.88 -21.10
N HIS B 178 16.54 26.73 -21.64
CA HIS B 178 16.02 26.61 -22.99
C HIS B 178 15.14 27.80 -23.37
N LYS B 179 15.38 28.35 -24.56
CA LYS B 179 14.90 29.67 -24.95
C LYS B 179 13.89 29.54 -26.09
N ASN B 180 12.59 29.66 -25.77
CA ASN B 180 11.57 29.60 -26.81
C ASN B 180 10.40 30.54 -26.52
N GLY B 181 10.62 31.59 -25.72
CA GLY B 181 9.49 32.36 -25.28
C GLY B 181 8.62 31.64 -24.28
N MET B 182 9.15 30.61 -23.63
CA MET B 182 8.43 29.90 -22.57
C MET B 182 9.33 29.72 -21.36
N LEU B 183 8.69 29.58 -20.19
CA LEU B 183 9.37 29.12 -18.99
C LEU B 183 9.41 27.59 -19.01
N ASN B 184 10.62 27.04 -19.07
CA ASN B 184 10.82 25.62 -19.34
C ASN B 184 11.31 24.91 -18.09
N LEU B 185 10.50 23.98 -17.58
CA LEU B 185 10.71 23.34 -16.30
C LEU B 185 11.03 21.86 -16.45
N VAL B 186 11.83 21.34 -15.51
CA VAL B 186 11.93 19.90 -15.26
C VAL B 186 11.35 19.64 -13.87
N ILE B 187 10.54 18.62 -13.76
CA ILE B 187 9.87 18.29 -12.52
C ILE B 187 10.29 16.88 -12.19
N GLY B 188 11.06 16.73 -11.11
CA GLY B 188 11.62 15.46 -10.71
C GLY B 188 10.90 14.94 -9.47
N ILE B 189 10.59 13.64 -9.49
CA ILE B 189 9.86 12.99 -8.42
C ILE B 189 10.50 11.65 -8.10
N GLY B 190 10.83 11.44 -6.82
CA GLY B 190 11.22 10.16 -6.32
C GLY B 190 10.27 9.71 -5.23
N ILE B 191 9.73 8.51 -5.33
CA ILE B 191 8.79 8.02 -4.34
C ILE B 191 9.30 6.68 -3.84
N ASN B 192 9.58 6.60 -2.54
CA ASN B 192 10.12 5.38 -1.96
C ASN B 192 9.10 4.27 -2.05
N VAL B 193 9.47 3.15 -2.65
CA VAL B 193 8.53 2.03 -2.74
C VAL B 193 8.96 0.89 -1.83
N SER B 194 10.10 0.25 -2.14
CA SER B 194 10.69 -0.73 -1.23
C SER B 194 12.17 -0.41 -1.04
N LEU B 195 12.52 0.09 0.13
CA LEU B 195 13.92 0.36 0.42
C LEU B 195 14.59 -0.85 1.03
N SER B 196 15.92 -0.84 1.01
CA SER B 196 16.71 -1.87 1.67
C SER B 196 17.14 -1.35 3.03
N LYS B 197 17.98 -2.13 3.72
CA LYS B 197 18.51 -1.75 5.02
C LYS B 197 19.45 -0.55 4.90
N GLN B 198 18.90 0.64 4.61
CA GLN B 198 19.69 1.85 4.49
C GLN B 198 18.81 3.07 4.73
N ILE B 201 20.73 5.38 4.39
CA ILE B 201 20.05 6.67 4.37
C ILE B 201 19.63 7.11 5.78
N SER B 202 20.28 8.16 6.27
CA SER B 202 19.94 8.74 7.56
C SER B 202 18.59 9.45 7.50
N GLN B 203 18.01 9.68 8.71
CA GLN B 203 16.68 10.24 8.97
C GLN B 203 15.60 9.19 8.70
N PRO B 204 14.46 9.28 9.39
CA PRO B 204 13.40 8.26 9.25
C PRO B 204 12.60 8.43 7.96
N TYR B 205 12.51 7.36 7.18
CA TYR B 205 11.95 7.39 5.83
C TYR B 205 10.76 6.45 5.72
N ALA B 206 9.83 6.78 4.83
CA ALA B 206 8.68 5.95 4.55
C ALA B 206 8.79 5.29 3.18
N GLU B 207 8.21 4.10 3.04
CA GLU B 207 8.17 3.40 1.76
C GLU B 207 6.74 2.97 1.49
N VAL B 208 6.37 2.93 0.21
CA VAL B 208 4.98 2.64 -0.12
C VAL B 208 4.65 1.19 0.22
N CYS B 209 5.68 0.33 0.32
CA CYS B 209 5.49 -1.06 0.75
C CYS B 209 4.72 -1.15 2.06
N GLU B 210 5.01 -0.24 2.98
CA GLU B 210 4.32 -0.23 4.27
C GLU B 210 2.81 -0.15 4.08
N ILE B 211 2.36 0.72 3.19
CA ILE B 211 0.93 1.00 3.10
C ILE B 211 0.19 -0.12 2.36
N ASP B 212 0.56 -0.40 1.12
CA ASP B 212 -0.09 -1.46 0.34
C ASP B 212 0.98 -2.44 -0.11
N PRO B 213 1.10 -3.59 0.55
CA PRO B 213 2.18 -4.53 0.23
C PRO B 213 2.11 -5.07 -1.20
N ASP B 214 1.02 -4.84 -1.93
CA ASP B 214 0.86 -5.34 -3.29
C ASP B 214 0.93 -4.26 -4.35
N VAL B 215 1.39 -3.05 -4.02
CA VAL B 215 1.60 -2.02 -5.06
C VAL B 215 2.49 -2.55 -6.16
N GLU B 216 2.16 -2.18 -7.39
CA GLU B 216 3.00 -2.45 -8.55
C GLU B 216 3.49 -1.11 -9.09
N ARG B 217 4.80 -0.93 -9.15
CA ARG B 217 5.31 0.29 -9.73
C ARG B 217 4.71 0.50 -11.10
N GLN B 218 4.49 -0.59 -11.84
CA GLN B 218 4.06 -0.52 -13.22
C GLN B 218 2.71 0.20 -13.35
N THR B 219 1.81 0.01 -12.41
CA THR B 219 0.52 0.68 -12.52
C THR B 219 0.44 1.95 -11.69
N LEU B 220 1.20 2.07 -10.60
CA LEU B 220 1.14 3.28 -9.80
C LEU B 220 1.75 4.46 -10.54
N LEU B 221 2.79 4.21 -11.35
CA LEU B 221 3.43 5.29 -12.09
C LEU B 221 2.47 6.03 -13.00
N PRO B 222 1.67 5.39 -13.86
CA PRO B 222 0.78 6.17 -14.72
C PRO B 222 -0.36 6.80 -13.94
N LYS B 223 -0.78 6.18 -12.85
CA LYS B 223 -1.82 6.79 -12.04
C LYS B 223 -1.31 8.07 -11.39
N LEU B 224 -0.03 8.08 -11.00
CA LEU B 224 0.55 9.30 -10.44
C LEU B 224 0.65 10.38 -11.51
N ILE B 225 1.23 10.04 -12.65
CA ILE B 225 1.50 11.03 -13.70
C ILE B 225 0.20 11.59 -14.26
N GLN B 226 -0.86 10.80 -14.30
CA GLN B 226 -2.09 11.27 -14.91
C GLN B 226 -2.81 12.26 -14.00
N HIS B 227 -2.77 12.00 -12.68
CA HIS B 227 -3.33 12.98 -11.74
C HIS B 227 -2.45 14.22 -11.67
N LEU B 228 -1.14 14.04 -11.52
CA LEU B 228 -0.18 15.12 -11.56
C LEU B 228 -0.47 16.09 -12.73
N TYR B 229 -0.57 15.55 -13.94
CA TYR B 229 -0.83 16.38 -15.10
C TYR B 229 -2.15 17.11 -14.96
N THR B 230 -3.18 16.42 -14.45
CA THR B 230 -4.47 17.05 -14.29
C THR B 230 -4.41 18.19 -13.28
N ARG B 231 -3.76 17.95 -12.13
CA ARG B 231 -3.56 19.03 -11.17
C ARG B 231 -2.79 20.19 -11.79
N LEU B 232 -1.80 19.89 -12.63
CA LEU B 232 -1.04 20.96 -13.24
C LEU B 232 -1.94 21.83 -14.13
N ASN B 233 -2.83 21.20 -14.91
CA ASN B 233 -3.72 21.98 -15.77
C ASN B 233 -4.63 22.86 -14.93
N ILE B 234 -5.18 22.29 -13.86
CA ILE B 234 -6.03 23.05 -12.94
C ILE B 234 -5.29 24.25 -12.39
N PHE B 235 -3.99 24.09 -12.14
CA PHE B 235 -3.22 25.20 -11.59
C PHE B 235 -3.03 26.31 -12.62
N GLU B 236 -2.79 25.96 -13.89
CA GLU B 236 -2.65 26.97 -14.95
C GLU B 236 -3.91 27.80 -15.12
N GLN B 237 -5.07 27.30 -14.69
CA GLN B 237 -6.28 28.10 -14.71
C GLN B 237 -6.48 28.80 -13.37
N ASN B 238 -6.35 28.07 -12.26
CA ASN B 238 -6.87 28.56 -10.99
C ASN B 238 -5.82 29.07 -10.02
N GLY B 239 -4.56 28.70 -10.18
CA GLY B 239 -3.58 29.14 -9.19
C GLY B 239 -3.83 28.49 -7.83
N ILE B 240 -3.23 29.08 -6.81
CA ILE B 240 -3.52 28.65 -5.44
C ILE B 240 -4.84 29.27 -5.01
N ASP B 241 -5.92 28.76 -5.59
CA ASP B 241 -7.25 29.32 -5.34
C ASP B 241 -7.88 28.60 -4.16
N GLU B 242 -9.12 28.94 -3.86
CA GLU B 242 -9.66 28.51 -2.59
C GLU B 242 -9.95 27.02 -2.58
N GLU B 243 -10.25 26.43 -3.75
CA GLU B 243 -10.34 24.97 -3.84
C GLU B 243 -9.02 24.32 -3.44
N PHE B 244 -7.90 24.85 -3.95
CA PHE B 244 -6.60 24.28 -3.57
C PHE B 244 -6.39 24.37 -2.07
N GLN B 245 -6.41 25.58 -1.51
CA GLN B 245 -6.18 25.74 -0.08
C GLN B 245 -7.00 24.77 0.74
N GLN B 246 -8.21 24.46 0.30
CA GLN B 246 -9.01 23.51 1.05
C GLN B 246 -8.50 22.09 0.85
N ALA B 247 -8.20 21.71 -0.40
CA ALA B 247 -7.66 20.37 -0.63
C ALA B 247 -6.34 20.20 0.12
N TRP B 248 -5.47 21.21 0.03
CA TRP B 248 -4.22 21.25 0.79
C TRP B 248 -4.46 20.98 2.28
N GLN B 249 -5.35 21.76 2.89
CA GLN B 249 -5.69 21.58 4.31
C GLN B 249 -6.06 20.13 4.59
N SER B 250 -6.80 19.49 3.69
CA SER B 250 -7.23 18.12 3.95
C SER B 250 -6.07 17.14 4.08
N TYR B 251 -4.98 17.36 3.33
CA TYR B 251 -3.84 16.44 3.32
C TYR B 251 -2.64 16.99 4.10
N ASN B 252 -2.76 18.19 4.64
CA ASN B 252 -1.66 18.85 5.33
C ASN B 252 -1.46 18.22 6.71
N ALA B 253 -0.38 17.46 6.85
CA ALA B 253 -0.03 16.85 8.13
C ALA B 253 0.31 17.87 9.21
N PHE B 254 0.48 19.15 8.87
CA PHE B 254 0.84 20.18 9.83
C PHE B 254 -0.25 21.24 9.95
N SER B 255 -1.48 20.93 9.58
CA SER B 255 -2.57 21.90 9.68
C SER B 255 -2.81 22.33 11.12
N ASN B 256 -2.79 23.65 11.34
CA ASN B 256 -3.04 24.25 12.65
C ASN B 256 -2.17 23.64 13.76
N SER B 257 -1.03 23.08 13.40
CA SER B 257 -0.07 22.56 14.36
C SER B 257 0.75 23.70 14.96
N GLU B 258 1.30 23.44 16.15
CA GLU B 258 2.35 24.29 16.71
C GLU B 258 3.67 23.88 16.04
N ILE B 259 4.34 24.85 15.43
CA ILE B 259 5.44 24.53 14.54
C ILE B 259 6.61 25.44 14.83
N ASN B 260 7.81 24.93 14.55
CA ASN B 260 9.01 25.73 14.50
C ASN B 260 9.36 25.96 13.05
N VAL B 261 9.59 27.21 12.69
CA VAL B 261 10.00 27.55 11.33
C VAL B 261 11.49 27.87 11.36
N LEU B 262 12.31 27.02 10.75
CA LEU B 262 13.75 27.26 10.71
C LEU B 262 14.08 28.11 9.49
N THR B 263 14.50 29.34 9.72
CA THR B 263 14.98 30.20 8.66
C THR B 263 16.49 30.40 8.81
N GLU B 264 17.10 30.95 7.75
CA GLU B 264 18.53 31.22 7.80
C GLU B 264 18.90 32.12 8.95
N GLN B 265 17.96 32.89 9.47
CA GLN B 265 18.21 33.85 10.53
C GLN B 265 17.82 33.35 11.90
N GLY B 266 17.49 32.08 12.05
CA GLY B 266 17.04 31.53 13.32
C GLY B 266 15.67 30.87 13.23
N VAL B 267 15.15 30.54 14.42
CA VAL B 267 13.91 29.79 14.55
C VAL B 267 12.78 30.75 14.84
N ILE B 268 11.67 30.58 14.15
CA ILE B 268 10.44 31.33 14.39
C ILE B 268 9.34 30.31 14.70
N SER B 269 8.54 30.60 15.72
CA SER B 269 7.57 29.64 16.27
C SER B 269 6.15 30.17 16.17
N GLY B 270 5.19 29.24 16.11
CA GLY B 270 3.80 29.65 16.11
C GLY B 270 2.84 28.52 15.81
N ILE B 271 1.67 28.93 15.36
CA ILE B 271 0.62 28.03 14.92
C ILE B 271 0.55 28.12 13.42
N GLU B 272 0.50 26.98 12.76
CA GLU B 272 0.34 26.98 11.31
C GLU B 272 -1.08 27.40 10.92
N GLN B 273 -1.18 28.31 9.94
CA GLN B 273 -2.45 28.82 9.45
C GLN B 273 -2.61 28.59 7.95
N GLY B 274 -2.26 27.41 7.46
CA GLY B 274 -2.44 27.13 6.04
C GLY B 274 -1.49 27.90 5.14
N ILE B 275 -1.99 28.23 3.95
CA ILE B 275 -1.19 28.85 2.90
C ILE B 275 -1.97 30.00 2.30
N ASP B 276 -1.25 30.98 1.78
CA ASP B 276 -1.85 32.13 1.13
C ASP B 276 -2.01 31.84 -0.36
N GLU B 277 -2.28 32.88 -1.16
CA GLU B 277 -2.62 32.69 -2.55
C GLU B 277 -1.40 32.58 -3.44
N ARG B 278 -0.21 32.84 -2.89
CA ARG B 278 1.05 32.59 -3.60
C ARG B 278 1.66 31.25 -3.21
N GLY B 279 1.02 30.51 -2.31
CA GLY B 279 1.61 29.30 -1.76
C GLY B 279 2.61 29.54 -0.64
N TYR B 280 2.73 30.78 -0.15
CA TYR B 280 3.54 31.07 1.04
C TYR B 280 2.92 30.49 2.30
N LEU B 281 3.78 29.93 3.17
CA LEU B 281 3.32 29.41 4.45
C LEU B 281 2.85 30.53 5.38
N LYS B 282 1.71 30.29 6.06
CA LYS B 282 1.11 31.24 7.00
C LYS B 282 1.30 30.73 8.42
N VAL B 283 1.82 31.59 9.29
CA VAL B 283 2.14 31.20 10.67
C VAL B 283 1.76 32.34 11.61
N LEU B 284 0.91 32.05 12.59
CA LEU B 284 0.54 33.03 13.61
C LEU B 284 1.68 33.10 14.63
N CYS B 285 2.49 34.14 14.55
CA CYS B 285 3.60 34.33 15.46
C CYS B 285 3.27 35.51 16.35
N GLY B 286 3.22 35.27 17.66
CA GLY B 286 2.80 36.30 18.58
C GLY B 286 1.44 36.82 18.19
N ASN B 287 1.37 38.08 17.77
CA ASN B 287 0.09 38.71 17.45
C ASN B 287 -0.07 39.08 15.98
N LYS B 288 0.79 38.59 15.09
CA LYS B 288 0.64 38.85 13.66
C LYS B 288 0.83 37.56 12.89
N ILE B 289 0.17 37.46 11.73
CA ILE B 289 0.43 36.35 10.83
C ILE B 289 1.63 36.70 9.94
N GLN B 290 2.70 35.92 10.04
CA GLN B 290 3.82 36.12 9.16
C GLN B 290 3.86 35.05 8.07
N MET B 291 4.52 35.39 6.98
CA MET B 291 4.51 34.53 5.80
C MET B 291 5.93 34.23 5.35
N PHE B 292 6.13 33.01 4.87
CA PHE B 292 7.45 32.56 4.48
C PHE B 292 7.42 31.96 3.09
N ASN B 293 8.45 32.27 2.33
CA ASN B 293 8.68 31.76 0.99
C ASN B 293 9.36 30.40 1.09
N GLY B 294 9.05 29.52 0.15
CA GLY B 294 9.45 28.11 0.26
C GLY B 294 10.97 27.86 0.24
N GLY B 295 11.74 28.71 -0.43
CA GLY B 295 13.16 28.44 -0.60
C GLY B 295 13.94 28.81 0.64
N GLU B 296 14.80 27.90 1.10
CA GLU B 296 15.49 28.01 2.39
C GLU B 296 14.55 28.54 3.48
N VAL B 297 13.50 27.77 3.73
CA VAL B 297 12.83 27.70 5.02
C VAL B 297 12.49 26.24 5.29
N SER B 298 12.71 25.80 6.52
CA SER B 298 12.44 24.44 6.96
C SER B 298 11.40 24.48 8.08
N LEU B 299 10.64 23.38 8.22
CA LEU B 299 9.46 23.31 9.09
C LEU B 299 9.53 22.13 10.04
N ARG B 300 9.22 22.36 11.32
CA ARG B 300 9.23 21.30 12.32
C ARG B 300 8.07 21.46 13.31
N LYS B 301 7.50 20.33 13.71
CA LYS B 301 6.57 20.32 14.83
C LYS B 301 7.30 20.63 16.14
N LYS B 302 6.77 21.57 16.93
CA LYS B 302 7.28 21.87 18.27
C LYS B 302 7.27 20.65 19.18
#